data_3A0G
#
_entry.id   3A0G
#
_cell.length_a   90.370
_cell.length_b   84.217
_cell.length_c   83.260
_cell.angle_alpha   90.00
_cell.angle_beta   90.00
_cell.angle_gamma   90.00
#
_symmetry.space_group_name_H-M   'C 2 2 21'
#
loop_
_entity.id
_entity.type
_entity.pdbx_description
1 polymer 'Hemoglobin subunit alpha'
2 polymer 'Hemoglobin subunit beta'
3 non-polymer 'PROTOPORPHYRIN IX CONTAINING FE'
4 non-polymer 'OXYGEN MOLECULE'
5 water water
#
loop_
_entity_poly.entity_id
_entity_poly.type
_entity_poly.pdbx_seq_one_letter_code
_entity_poly.pdbx_strand_id
1 'polypeptide(L)'
;VLSAADKNNVKTTWDKIGGHAAEYVAEGLTRMFTSFPTTKTYFHHIDVSPGSGDIKAHGKKVADALTTAVGHLDDLPTAL
STLSDVHAHKLRVDPVNFKFLNHCLLVTLAAHLGADFTPSIHASLDKFFASVSTVLTSKYR
;
A
2 'polypeptide(L)'
;VHLTAAEKSAILDLWGKVNVGEIGAEALGRLLVVYPWTQRFFEKFGDLSSASAIMSNAHVKSHGAKVLASFSEGLKHLQD
LKGTFAKLSELHCDKLHVDPENFRLLGNMLTIAIAHHHPSEFTPCTQAAFQKVTAGVANALAHKYH
;
B
#
loop_
_chem_comp.id
_chem_comp.type
_chem_comp.name
_chem_comp.formula
HEM non-polymer 'PROTOPORPHYRIN IX CONTAINING FE' 'C34 H32 Fe N4 O4'
OXY non-polymer 'OXYGEN MOLECULE' O2
#
# COMPACT_ATOMS: atom_id res chain seq x y z
N VAL A 1 -9.65 1.98 -15.17
CA VAL A 1 -9.46 2.73 -16.45
C VAL A 1 -8.49 3.90 -16.28
N LEU A 2 -7.36 3.90 -16.95
CA LEU A 2 -6.41 5.02 -16.78
C LEU A 2 -6.80 6.24 -17.59
N SER A 3 -6.78 7.43 -17.02
CA SER A 3 -6.94 8.60 -17.88
C SER A 3 -5.68 8.89 -18.67
N ALA A 4 -5.78 9.90 -19.49
CA ALA A 4 -4.61 10.42 -20.18
C ALA A 4 -3.59 11.02 -19.21
N ALA A 5 -4.03 11.75 -18.20
CA ALA A 5 -3.12 12.18 -17.10
C ALA A 5 -2.39 11.02 -16.35
N ASP A 6 -3.16 9.98 -15.96
CA ASP A 6 -2.64 8.75 -15.36
C ASP A 6 -1.56 8.15 -16.25
N LYS A 7 -1.80 8.03 -17.53
CA LYS A 7 -0.81 7.45 -18.42
C LYS A 7 0.47 8.26 -18.41
N ASN A 8 0.38 9.59 -18.33
CA ASN A 8 1.60 10.43 -18.39
C ASN A 8 2.35 10.30 -17.07
N ASN A 9 1.61 10.24 -15.98
CA ASN A 9 2.25 10.02 -14.70
C ASN A 9 2.92 8.69 -14.66
N VAL A 10 2.31 7.67 -15.26
CA VAL A 10 2.96 6.37 -15.25
C VAL A 10 4.24 6.37 -16.12
N LYS A 11 4.14 6.94 -17.33
CA LYS A 11 5.31 6.95 -18.26
C LYS A 11 6.48 7.75 -17.71
N THR A 12 6.17 8.93 -17.18
CA THR A 12 7.14 9.83 -16.58
C THR A 12 7.86 9.24 -15.35
N THR A 13 7.13 8.64 -14.42
CA THR A 13 7.71 7.99 -13.28
C THR A 13 8.56 6.74 -13.68
N TRP A 14 8.07 5.94 -14.62
CA TRP A 14 8.79 4.76 -15.06
C TRP A 14 10.09 5.13 -15.76
N ASP A 15 10.07 6.16 -16.59
CA ASP A 15 11.31 6.58 -17.22
C ASP A 15 12.30 7.20 -16.24
N LYS A 16 11.86 7.90 -15.21
CA LYS A 16 12.76 8.42 -14.22
C LYS A 16 13.41 7.33 -13.39
N ILE A 17 12.63 6.35 -12.94
CA ILE A 17 13.13 5.20 -12.19
C ILE A 17 14.22 4.53 -13.02
N GLY A 18 13.97 4.39 -14.32
CA GLY A 18 14.98 3.93 -15.32
C GLY A 18 15.59 2.58 -15.07
N GLY A 19 16.92 2.58 -14.90
CA GLY A 19 17.73 1.39 -14.67
C GLY A 19 17.64 0.82 -13.26
N HIS A 20 17.06 1.57 -12.30
CA HIS A 20 16.78 1.04 -10.97
C HIS A 20 15.58 0.06 -10.85
N ALA A 21 14.82 -0.15 -11.91
CA ALA A 21 13.47 -0.72 -11.68
C ALA A 21 13.63 -2.15 -11.12
N ALA A 22 14.60 -2.88 -11.62
CA ALA A 22 14.81 -4.26 -11.23
C ALA A 22 15.21 -4.35 -9.78
N GLU A 23 16.06 -3.43 -9.32
CA GLU A 23 16.34 -3.24 -7.89
C GLU A 23 15.09 -3.01 -7.03
N TYR A 24 14.16 -2.16 -7.51
CA TYR A 24 13.03 -1.76 -6.76
C TYR A 24 12.06 -2.90 -6.67
N VAL A 25 11.97 -3.65 -7.76
CA VAL A 25 11.13 -4.78 -7.78
C VAL A 25 11.68 -5.93 -6.90
N ALA A 26 12.97 -6.25 -6.97
CA ALA A 26 13.47 -7.22 -5.99
C ALA A 26 13.10 -6.81 -4.57
N GLU A 27 13.24 -5.53 -4.23
CA GLU A 27 12.93 -5.10 -2.87
C GLU A 27 11.38 -5.28 -2.60
N GLY A 28 10.54 -4.98 -3.55
CA GLY A 28 9.15 -5.34 -3.50
C GLY A 28 8.86 -6.79 -3.24
N LEU A 29 9.57 -7.67 -3.92
CA LEU A 29 9.42 -9.11 -3.68
C LEU A 29 9.83 -9.48 -2.24
N THR A 30 11.00 -9.04 -1.80
CA THR A 30 11.44 -9.25 -0.45
C THR A 30 10.39 -8.72 0.55
N ARG A 31 9.92 -7.47 0.43
CA ARG A 31 8.79 -6.98 1.26
C ARG A 31 7.53 -7.87 1.20
N MET A 32 7.07 -8.30 0.04
CA MET A 32 5.96 -9.24 -0.01
C MET A 32 6.22 -10.57 0.75
N PHE A 33 7.38 -11.18 0.51
CA PHE A 33 7.70 -12.41 1.22
C PHE A 33 7.77 -12.24 2.72
N THR A 34 8.23 -11.07 3.17
CA THR A 34 8.34 -10.93 4.60
C THR A 34 7.06 -10.46 5.25
N SER A 35 6.25 -9.61 4.62
CA SER A 35 5.01 -9.14 5.25
C SER A 35 3.84 -10.10 5.00
N PHE A 36 3.87 -10.87 3.90
CA PHE A 36 2.82 -11.86 3.61
C PHE A 36 3.41 -13.25 3.29
N PRO A 37 3.91 -13.99 4.32
CA PRO A 37 4.75 -15.22 4.17
C PRO A 37 4.04 -16.29 3.32
N THR A 38 2.74 -16.35 3.40
CA THR A 38 1.94 -17.18 2.51
C THR A 38 2.27 -17.14 1.01
N THR A 39 2.78 -15.99 0.52
CA THR A 39 3.16 -15.87 -0.87
C THR A 39 4.44 -16.65 -1.22
N LYS A 40 5.29 -16.94 -0.23
CA LYS A 40 6.42 -17.81 -0.47
C LYS A 40 6.08 -19.17 -1.06
N THR A 41 4.89 -19.67 -0.76
CA THR A 41 4.43 -20.93 -1.30
C THR A 41 4.64 -21.11 -2.82
N TYR A 42 4.50 -20.00 -3.55
CA TYR A 42 4.53 -20.02 -5.02
C TYR A 42 5.95 -20.06 -5.46
N PHE A 43 6.86 -19.77 -4.54
CA PHE A 43 8.28 -19.65 -4.87
C PHE A 43 9.17 -20.63 -4.14
N HIS A 44 8.61 -21.78 -3.79
CA HIS A 44 9.30 -22.81 -3.06
C HIS A 44 10.58 -23.28 -3.77
N HIS A 45 10.60 -23.20 -5.10
CA HIS A 45 11.69 -23.77 -5.94
C HIS A 45 12.97 -22.85 -6.02
N ILE A 46 12.87 -21.61 -5.53
CA ILE A 46 14.06 -20.70 -5.54
C ILE A 46 14.46 -20.30 -4.12
N ASP A 47 15.69 -19.82 -3.94
CA ASP A 47 16.07 -19.20 -2.68
C ASP A 47 15.38 -17.82 -2.49
N VAL A 48 14.48 -17.72 -1.53
CA VAL A 48 13.75 -16.47 -1.35
C VAL A 48 14.30 -15.65 -0.19
N SER A 49 15.42 -16.10 0.36
CA SER A 49 16.03 -15.31 1.43
C SER A 49 16.57 -13.93 0.95
N PRO A 50 16.42 -12.92 1.82
CA PRO A 50 16.57 -11.49 1.49
C PRO A 50 17.48 -11.02 0.39
N GLY A 51 18.74 -11.34 0.38
CA GLY A 51 19.41 -10.69 -0.74
C GLY A 51 19.74 -11.65 -1.85
N SER A 52 18.91 -12.69 -2.06
CA SER A 52 19.39 -13.80 -2.89
C SER A 52 19.51 -13.42 -4.34
N GLY A 53 20.37 -14.11 -5.07
CA GLY A 53 20.47 -13.91 -6.53
C GLY A 53 19.22 -14.40 -7.28
N ASP A 54 18.48 -15.39 -6.72
CA ASP A 54 17.20 -15.76 -7.33
C ASP A 54 16.22 -14.63 -7.32
N ILE A 55 16.21 -13.89 -6.22
CA ILE A 55 15.36 -12.72 -6.16
C ILE A 55 15.76 -11.60 -7.11
N LYS A 56 17.05 -11.22 -7.19
CA LYS A 56 17.48 -10.21 -8.15
C LYS A 56 17.06 -10.62 -9.57
N ALA A 57 17.31 -11.89 -9.89
CA ALA A 57 17.08 -12.40 -11.23
C ALA A 57 15.55 -12.33 -11.51
N HIS A 58 14.73 -12.76 -10.56
CA HIS A 58 13.29 -12.67 -10.74
C HIS A 58 12.78 -11.19 -10.76
N GLY A 59 13.35 -10.34 -9.91
CA GLY A 59 13.10 -8.89 -9.91
C GLY A 59 13.29 -8.30 -11.29
N LYS A 60 14.36 -8.76 -11.97
CA LYS A 60 14.57 -8.27 -13.29
C LYS A 60 13.49 -8.75 -14.28
N LYS A 61 13.16 -10.02 -14.29
CA LYS A 61 12.09 -10.48 -15.20
C LYS A 61 10.79 -9.65 -14.99
N VAL A 62 10.41 -9.44 -13.72
CA VAL A 62 9.19 -8.69 -13.39
C VAL A 62 9.28 -7.21 -13.84
N ALA A 63 10.39 -6.54 -13.50
CA ALA A 63 10.67 -5.18 -14.01
C ALA A 63 10.51 -5.08 -15.51
N ASP A 64 11.07 -6.05 -16.23
CA ASP A 64 10.99 -6.03 -17.68
C ASP A 64 9.58 -6.13 -18.18
N ALA A 65 8.78 -6.99 -17.57
CA ALA A 65 7.41 -7.13 -18.02
C ALA A 65 6.60 -5.84 -17.67
N LEU A 66 6.98 -5.13 -16.60
CA LEU A 66 6.27 -3.95 -16.27
C LEU A 66 6.64 -2.77 -17.23
N THR A 67 7.88 -2.74 -17.67
CA THR A 67 8.35 -1.88 -18.67
C THR A 67 7.56 -2.11 -19.96
N THR A 68 7.41 -3.38 -20.39
CA THR A 68 6.57 -3.68 -21.51
C THR A 68 5.12 -3.16 -21.29
N ALA A 69 4.53 -3.39 -20.11
CA ALA A 69 3.18 -2.84 -19.83
C ALA A 69 3.21 -1.32 -20.02
N VAL A 70 4.26 -0.63 -19.53
CA VAL A 70 4.30 0.83 -19.68
C VAL A 70 4.36 1.25 -21.16
N GLY A 71 4.99 0.43 -22.00
CA GLY A 71 5.01 0.71 -23.43
C GLY A 71 3.74 0.42 -24.23
N HIS A 72 2.74 -0.15 -23.60
CA HIS A 72 1.57 -0.59 -24.33
C HIS A 72 0.36 -0.31 -23.41
N LEU A 73 0.33 0.87 -22.77
CA LEU A 73 -0.76 1.22 -21.83
C LEU A 73 -2.16 1.15 -22.42
N ASP A 74 -2.28 1.32 -23.75
CA ASP A 74 -3.57 1.38 -24.47
C ASP A 74 -4.07 0.02 -24.91
N ASP A 75 -3.21 -1.00 -24.88
CA ASP A 75 -3.70 -2.37 -25.08
C ASP A 75 -2.90 -3.37 -24.27
N LEU A 76 -3.11 -3.37 -22.96
CA LEU A 76 -2.42 -4.31 -22.08
C LEU A 76 -2.83 -5.74 -22.32
N PRO A 77 -4.12 -6.01 -22.63
CA PRO A 77 -4.42 -7.45 -22.76
C PRO A 77 -3.61 -8.21 -23.83
N THR A 78 -3.21 -7.50 -24.88
CA THR A 78 -2.46 -8.05 -25.98
C THR A 78 -0.98 -8.09 -25.66
N ALA A 79 -0.44 -7.00 -25.08
CA ALA A 79 0.97 -7.06 -24.72
C ALA A 79 1.24 -8.13 -23.65
N LEU A 80 0.31 -8.33 -22.68
CA LEU A 80 0.58 -9.22 -21.52
C LEU A 80 -0.01 -10.68 -21.65
N SER A 81 -0.52 -10.99 -22.86
CA SER A 81 -1.10 -12.26 -23.25
C SER A 81 -0.40 -13.48 -22.68
N THR A 82 0.88 -13.57 -22.99
CA THR A 82 1.74 -14.62 -22.51
C THR A 82 1.87 -14.70 -20.97
N LEU A 83 2.00 -13.57 -20.28
CA LEU A 83 2.01 -13.48 -18.80
C LEU A 83 0.64 -13.86 -18.20
N SER A 84 -0.45 -13.56 -18.89
CA SER A 84 -1.73 -14.08 -18.49
C SER A 84 -1.75 -15.61 -18.49
N ASP A 85 -1.28 -16.19 -19.58
CA ASP A 85 -1.09 -17.63 -19.57
C ASP A 85 -0.40 -18.22 -18.35
N VAL A 86 0.77 -17.66 -18.07
CA VAL A 86 1.57 -18.14 -16.98
C VAL A 86 0.82 -17.98 -15.65
N HIS A 87 0.21 -16.83 -15.40
CA HIS A 87 -0.36 -16.48 -14.06
C HIS A 87 -1.77 -17.02 -13.83
N ALA A 88 -2.62 -16.96 -14.84
CA ALA A 88 -3.97 -17.48 -14.71
C ALA A 88 -4.15 -18.93 -15.19
N HIS A 89 -3.46 -19.42 -16.23
CA HIS A 89 -3.69 -20.84 -16.66
C HIS A 89 -2.68 -21.76 -15.93
N LYS A 90 -1.42 -21.44 -15.97
CA LYS A 90 -0.43 -22.35 -15.44
C LYS A 90 -0.31 -22.28 -13.90
N LEU A 91 -0.02 -21.11 -13.33
CA LEU A 91 0.02 -21.07 -11.89
C LEU A 91 -1.29 -20.91 -11.11
N ARG A 92 -2.37 -20.41 -11.70
CA ARG A 92 -3.66 -20.31 -10.94
C ARG A 92 -3.47 -19.48 -9.67
N VAL A 93 -2.76 -18.36 -9.82
CA VAL A 93 -2.44 -17.50 -8.67
C VAL A 93 -3.64 -16.81 -8.12
N ASP A 94 -3.88 -16.96 -6.82
CA ASP A 94 -4.94 -16.18 -6.17
C ASP A 94 -4.64 -14.67 -6.31
N PRO A 95 -5.61 -13.89 -6.84
CA PRO A 95 -5.55 -12.42 -7.05
C PRO A 95 -5.31 -11.71 -5.79
N VAL A 96 -5.64 -12.31 -4.66
CA VAL A 96 -5.23 -11.61 -3.44
C VAL A 96 -3.70 -11.40 -3.42
N ASN A 97 -2.93 -12.30 -4.07
CA ASN A 97 -1.47 -12.15 -4.04
C ASN A 97 -0.97 -10.91 -4.80
N PHE A 98 -1.72 -10.52 -5.83
CA PHE A 98 -1.43 -9.30 -6.58
C PHE A 98 -1.68 -8.07 -5.73
N LYS A 99 -2.71 -8.07 -4.89
CA LYS A 99 -2.87 -6.91 -4.02
C LYS A 99 -1.65 -6.79 -3.13
N PHE A 100 -1.17 -7.92 -2.62
CA PHE A 100 -0.03 -7.91 -1.69
C PHE A 100 1.16 -7.27 -2.43
N LEU A 101 1.42 -7.74 -3.67
CA LEU A 101 2.61 -7.36 -4.39
C LEU A 101 2.52 -5.89 -4.77
N ASN A 102 1.34 -5.43 -5.24
CA ASN A 102 1.17 -4.05 -5.60
C ASN A 102 1.47 -3.11 -4.49
N HIS A 103 0.94 -3.45 -3.32
CA HIS A 103 1.13 -2.65 -2.15
C HIS A 103 2.64 -2.61 -1.78
N CYS A 104 3.35 -3.74 -1.84
CA CYS A 104 4.79 -3.77 -1.55
C CYS A 104 5.63 -2.97 -2.57
N LEU A 105 5.23 -3.00 -3.84
CA LEU A 105 5.78 -2.11 -4.82
C LEU A 105 5.57 -0.62 -4.48
N LEU A 106 4.35 -0.18 -4.12
CA LEU A 106 4.14 1.26 -3.82
C LEU A 106 4.88 1.68 -2.58
N VAL A 107 4.94 0.79 -1.59
CA VAL A 107 5.72 0.97 -0.38
C VAL A 107 7.17 1.25 -0.70
N THR A 108 7.74 0.47 -1.62
CA THR A 108 9.13 0.64 -2.07
C THR A 108 9.31 1.95 -2.81
N LEU A 109 8.44 2.26 -3.76
CA LEU A 109 8.57 3.52 -4.46
C LEU A 109 8.42 4.71 -3.51
N ALA A 110 7.53 4.60 -2.50
CA ALA A 110 7.31 5.74 -1.58
C ALA A 110 8.60 5.99 -0.82
N ALA A 111 9.32 4.93 -0.50
CA ALA A 111 10.58 4.98 0.24
C ALA A 111 11.69 5.55 -0.65
N HIS A 112 11.78 5.15 -1.91
CA HIS A 112 12.97 5.52 -2.71
C HIS A 112 12.80 6.81 -3.49
N LEU A 113 11.56 7.11 -3.94
CA LEU A 113 11.31 8.22 -4.81
C LEU A 113 11.13 9.55 -4.07
N GLY A 114 11.04 9.49 -2.74
CA GLY A 114 11.01 10.76 -2.00
C GLY A 114 9.91 11.63 -2.55
N ALA A 115 10.23 12.90 -2.82
CA ALA A 115 9.24 13.92 -3.16
C ALA A 115 8.51 13.69 -4.50
N ASP A 116 9.13 12.98 -5.44
CA ASP A 116 8.47 12.63 -6.70
C ASP A 116 7.26 11.70 -6.51
N PHE A 117 7.21 10.94 -5.41
CA PHE A 117 6.05 10.14 -5.08
C PHE A 117 4.98 10.95 -4.44
N THR A 118 4.36 11.89 -5.19
CA THR A 118 3.17 12.67 -4.82
C THR A 118 1.85 11.85 -4.80
N PRO A 119 0.83 12.37 -4.06
CA PRO A 119 -0.48 11.75 -4.05
C PRO A 119 -1.00 11.47 -5.45
N SER A 120 -0.75 12.33 -6.45
CA SER A 120 -1.23 12.07 -7.79
C SER A 120 -0.40 10.96 -8.48
N ILE A 121 0.93 10.97 -8.30
CA ILE A 121 1.76 9.97 -8.88
C ILE A 121 1.28 8.67 -8.28
N HIS A 122 1.18 8.64 -6.96
CA HIS A 122 0.71 7.45 -6.22
C HIS A 122 -0.64 6.83 -6.77
N ALA A 123 -1.69 7.66 -6.93
CA ALA A 123 -3.01 7.26 -7.46
C ALA A 123 -2.96 6.63 -8.86
N SER A 124 -2.10 7.19 -9.71
CA SER A 124 -1.94 6.74 -11.08
C SER A 124 -1.22 5.40 -11.14
N LEU A 125 -0.21 5.22 -10.31
CA LEU A 125 0.53 3.97 -10.24
C LEU A 125 -0.34 2.85 -9.68
N ASP A 126 -1.18 3.17 -8.74
CA ASP A 126 -2.06 2.17 -8.13
C ASP A 126 -3.08 1.63 -9.17
N LYS A 127 -3.66 2.53 -9.99
CA LYS A 127 -4.57 2.14 -11.05
C LYS A 127 -3.83 1.33 -12.09
N PHE A 128 -2.59 1.72 -12.41
CA PHE A 128 -1.74 0.99 -13.35
C PHE A 128 -1.54 -0.46 -12.84
N PHE A 129 -1.00 -0.62 -11.63
CA PHE A 129 -0.81 -1.95 -11.09
C PHE A 129 -2.08 -2.73 -10.98
N ALA A 130 -3.21 -2.12 -10.60
CA ALA A 130 -4.46 -2.92 -10.56
C ALA A 130 -4.84 -3.40 -11.98
N SER A 131 -4.52 -2.59 -12.98
CA SER A 131 -4.89 -2.94 -14.34
C SER A 131 -4.06 -4.11 -14.90
N VAL A 132 -2.77 -4.10 -14.58
CA VAL A 132 -1.86 -5.19 -14.89
C VAL A 132 -2.36 -6.46 -14.16
N SER A 133 -2.77 -6.31 -12.90
CA SER A 133 -3.32 -7.41 -12.14
C SER A 133 -4.54 -8.06 -12.77
N THR A 134 -5.48 -7.26 -13.24
CA THR A 134 -6.73 -7.75 -13.77
C THR A 134 -6.40 -8.61 -15.03
N VAL A 135 -5.48 -8.15 -15.89
CA VAL A 135 -5.04 -8.88 -17.05
C VAL A 135 -4.36 -10.18 -16.67
N LEU A 136 -3.33 -10.12 -15.79
CA LEU A 136 -2.61 -11.33 -15.38
C LEU A 136 -3.47 -12.39 -14.68
N THR A 137 -4.64 -12.02 -14.22
CA THR A 137 -5.54 -12.98 -13.57
C THR A 137 -6.80 -13.30 -14.45
N SER A 138 -7.05 -12.47 -15.48
CA SER A 138 -7.69 -12.76 -16.76
C SER A 138 -8.62 -13.86 -16.75
N LYS A 139 -8.24 -14.96 -17.44
CA LYS A 139 -9.29 -15.87 -17.99
C LYS A 139 -10.32 -16.67 -17.06
N VAL B 1 -4.23 -10.73 15.70
CA VAL B 1 -2.91 -10.37 16.31
C VAL B 1 -2.30 -11.46 17.19
N HIS B 2 -1.30 -12.17 16.71
CA HIS B 2 -0.36 -12.52 17.74
C HIS B 2 0.32 -11.19 18.15
N LEU B 3 1.31 -10.77 17.41
CA LEU B 3 2.38 -9.83 17.94
C LEU B 3 3.28 -10.46 19.02
N THR B 4 4.40 -10.93 18.54
CA THR B 4 5.51 -11.30 19.37
C THR B 4 6.24 -10.07 19.99
N ALA B 5 6.98 -10.31 21.05
CA ALA B 5 7.75 -9.27 21.62
C ALA B 5 8.64 -8.52 20.61
N ALA B 6 9.25 -9.21 19.64
CA ALA B 6 10.14 -8.56 18.62
C ALA B 6 9.31 -7.61 17.69
N GLU B 7 8.08 -8.01 17.43
CA GLU B 7 7.20 -7.24 16.59
C GLU B 7 6.75 -5.95 17.27
N LYS B 8 6.41 -6.07 18.55
CA LYS B 8 5.95 -4.94 19.30
C LYS B 8 7.07 -3.89 19.43
N SER B 9 8.30 -4.34 19.50
CA SER B 9 9.36 -3.40 19.70
C SER B 9 9.88 -2.81 18.38
N ALA B 10 9.78 -3.56 17.29
CA ALA B 10 9.90 -2.98 15.94
C ALA B 10 8.93 -1.77 15.74
N ILE B 11 7.68 -1.99 16.13
CA ILE B 11 6.65 -0.98 16.13
C ILE B 11 6.88 0.26 17.05
N LEU B 12 7.09 0.02 18.34
CA LEU B 12 7.43 1.09 19.32
C LEU B 12 8.71 1.81 19.04
N ASP B 13 9.76 1.11 18.63
CA ASP B 13 11.04 1.78 18.32
C ASP B 13 10.89 2.92 17.29
N LEU B 14 10.19 2.62 16.20
CA LEU B 14 9.91 3.53 15.20
C LEU B 14 8.87 4.56 15.70
N TRP B 15 7.82 4.12 16.37
CA TRP B 15 6.80 5.04 16.75
C TRP B 15 7.34 6.19 17.60
N GLY B 16 8.31 5.89 18.45
CA GLY B 16 8.94 6.94 19.25
C GLY B 16 9.48 8.11 18.42
N LYS B 17 9.82 7.90 17.15
CA LYS B 17 10.32 8.99 16.29
C LYS B 17 9.29 9.65 15.35
N VAL B 18 8.06 9.16 15.33
CA VAL B 18 7.09 9.47 14.34
C VAL B 18 6.43 10.83 14.66
N ASN B 19 6.15 11.62 13.64
CA ASN B 19 5.38 12.83 13.85
C ASN B 19 3.90 12.52 13.58
N VAL B 20 3.09 12.43 14.63
CA VAL B 20 1.69 11.95 14.54
C VAL B 20 0.81 12.74 13.54
N GLY B 21 0.88 14.06 13.65
CA GLY B 21 0.25 15.01 12.73
C GLY B 21 0.67 14.95 11.29
N GLU B 22 1.97 14.81 10.98
CA GLU B 22 2.42 14.67 9.56
C GLU B 22 2.00 13.36 8.91
N ILE B 23 2.26 12.22 9.58
CA ILE B 23 1.85 10.91 9.11
C ILE B 23 0.33 10.85 8.92
N GLY B 24 -0.43 11.37 9.87
CA GLY B 24 -1.87 11.27 9.81
C GLY B 24 -2.40 12.13 8.68
N ALA B 25 -1.81 13.32 8.42
CA ALA B 25 -2.18 14.14 7.26
C ALA B 25 -1.83 13.48 5.92
N GLU B 26 -0.61 12.94 5.84
CA GLU B 26 -0.19 12.19 4.72
C GLU B 26 -1.17 10.99 4.51
N ALA B 27 -1.44 10.19 5.55
CA ALA B 27 -2.25 8.96 5.39
C ALA B 27 -3.68 9.31 4.89
N LEU B 28 -4.37 10.20 5.61
CA LEU B 28 -5.76 10.52 5.22
C LEU B 28 -5.78 11.28 3.87
N GLY B 29 -4.80 12.15 3.63
CA GLY B 29 -4.75 12.84 2.39
C GLY B 29 -4.58 11.85 1.22
N ARG B 30 -3.78 10.80 1.38
CA ARG B 30 -3.65 9.88 0.26
C ARG B 30 -4.87 8.99 0.05
N LEU B 31 -5.53 8.62 1.16
CA LEU B 31 -6.73 7.82 1.05
C LEU B 31 -7.74 8.50 0.11
N LEU B 32 -7.85 9.83 0.23
CA LEU B 32 -8.90 10.58 -0.48
C LEU B 32 -8.50 10.79 -1.94
N VAL B 33 -7.18 10.89 -2.21
CA VAL B 33 -6.72 11.06 -3.60
C VAL B 33 -6.77 9.75 -4.32
N VAL B 34 -6.17 8.75 -3.73
CA VAL B 34 -6.07 7.45 -4.31
C VAL B 34 -7.37 6.67 -4.42
N TYR B 35 -8.25 6.78 -3.43
CA TYR B 35 -9.50 6.02 -3.42
C TYR B 35 -10.66 7.00 -3.37
N PRO B 36 -10.97 7.61 -4.51
CA PRO B 36 -11.80 8.84 -4.54
C PRO B 36 -13.17 8.70 -3.91
N TRP B 37 -13.76 7.50 -3.91
CA TRP B 37 -15.13 7.38 -3.32
C TRP B 37 -15.15 7.68 -1.81
N THR B 38 -14.00 7.55 -1.13
CA THR B 38 -13.97 7.89 0.29
C THR B 38 -14.28 9.39 0.54
N GLN B 39 -14.11 10.27 -0.44
CA GLN B 39 -14.49 11.66 -0.25
C GLN B 39 -15.94 11.81 0.20
N ARG B 40 -16.82 10.95 -0.28
CA ARG B 40 -18.24 11.04 0.06
C ARG B 40 -18.47 11.17 1.55
N PHE B 41 -17.57 10.55 2.33
CA PHE B 41 -17.78 10.47 3.78
C PHE B 41 -17.41 11.72 4.50
N PHE B 42 -16.66 12.62 3.83
CA PHE B 42 -16.13 13.85 4.37
C PHE B 42 -16.57 15.09 3.59
N GLU B 43 -17.79 15.13 3.10
CA GLU B 43 -18.15 16.31 2.38
C GLU B 43 -18.32 17.51 3.31
N LYS B 44 -18.49 17.31 4.62
CA LYS B 44 -18.55 18.48 5.52
C LYS B 44 -17.25 19.32 5.62
N PHE B 45 -16.22 18.89 4.89
CA PHE B 45 -14.89 19.47 4.95
C PHE B 45 -14.67 20.51 3.90
N GLY B 46 -15.52 20.52 2.88
CA GLY B 46 -15.36 21.45 1.77
C GLY B 46 -14.94 20.78 0.48
N ASP B 47 -14.26 21.57 -0.35
CA ASP B 47 -13.88 21.12 -1.70
C ASP B 47 -12.77 20.03 -1.62
N LEU B 48 -13.09 18.89 -2.17
CA LEU B 48 -12.18 17.76 -2.21
C LEU B 48 -12.03 17.25 -3.66
N SER B 49 -12.29 18.14 -4.61
CA SER B 49 -12.40 17.71 -6.01
C SER B 49 -11.05 17.67 -6.72
N SER B 50 -9.92 17.86 -6.00
CA SER B 50 -8.60 17.75 -6.63
C SER B 50 -7.50 17.39 -5.58
N ALA B 51 -6.36 16.84 -6.01
CA ALA B 51 -5.30 16.54 -5.08
C ALA B 51 -4.86 17.80 -4.33
N SER B 52 -4.73 18.89 -5.09
CA SER B 52 -4.28 20.16 -4.58
C SER B 52 -5.25 20.62 -3.49
N ALA B 53 -6.57 20.60 -3.74
CA ALA B 53 -7.50 21.00 -2.65
C ALA B 53 -7.45 20.03 -1.46
N ILE B 54 -7.16 18.73 -1.68
CA ILE B 54 -7.16 17.79 -0.58
C ILE B 54 -5.96 18.05 0.32
N MET B 55 -4.80 18.24 -0.30
CA MET B 55 -3.53 18.37 0.43
C MET B 55 -3.41 19.67 1.19
N SER B 56 -4.25 20.64 0.79
CA SER B 56 -4.33 21.99 1.38
C SER B 56 -5.43 22.22 2.40
N ASN B 57 -6.37 21.30 2.49
CA ASN B 57 -7.50 21.45 3.37
C ASN B 57 -7.18 21.25 4.88
N ALA B 58 -7.54 22.24 5.69
CA ALA B 58 -7.19 22.28 7.09
C ALA B 58 -7.97 21.21 7.86
N HIS B 59 -9.17 20.90 7.43
CA HIS B 59 -9.93 19.88 8.15
C HIS B 59 -9.37 18.45 7.95
N VAL B 60 -8.82 18.17 6.76
CA VAL B 60 -8.06 16.95 6.45
C VAL B 60 -6.80 16.78 7.30
N LYS B 61 -6.01 17.85 7.44
CA LYS B 61 -4.82 17.80 8.33
C LYS B 61 -5.17 17.46 9.77
N SER B 62 -6.21 18.11 10.23
CA SER B 62 -6.61 18.11 11.58
C SER B 62 -7.32 16.79 11.93
N HIS B 63 -8.19 16.33 11.03
CA HIS B 63 -8.80 15.00 11.16
C HIS B 63 -7.82 13.80 11.05
N GLY B 64 -6.84 13.91 10.13
CA GLY B 64 -5.77 12.97 9.95
C GLY B 64 -4.95 12.89 11.23
N ALA B 65 -4.68 14.07 11.84
CA ALA B 65 -4.01 14.08 13.13
C ALA B 65 -4.83 13.34 14.19
N LYS B 66 -6.14 13.51 14.17
CA LYS B 66 -7.01 12.95 15.21
C LYS B 66 -7.02 11.41 15.08
N VAL B 67 -7.16 10.93 13.84
CA VAL B 67 -7.11 9.53 13.48
C VAL B 67 -5.78 8.87 13.89
N LEU B 68 -4.66 9.48 13.55
CA LEU B 68 -3.37 8.97 14.02
C LEU B 68 -3.13 8.90 15.54
N ALA B 69 -3.67 9.89 16.29
CA ALA B 69 -3.62 9.91 17.77
C ALA B 69 -4.38 8.79 18.32
N SER B 70 -5.48 8.41 17.68
CA SER B 70 -6.16 7.26 18.23
C SER B 70 -5.48 5.94 17.78
N PHE B 71 -4.88 5.89 16.62
CA PHE B 71 -3.99 4.76 16.29
C PHE B 71 -2.89 4.65 17.36
N SER B 72 -2.21 5.78 17.64
CA SER B 72 -1.18 5.89 18.70
C SER B 72 -1.57 5.35 20.07
N GLU B 73 -2.72 5.77 20.56
CA GLU B 73 -3.41 5.19 21.69
C GLU B 73 -3.65 3.69 21.64
N GLY B 74 -4.14 3.18 20.52
CA GLY B 74 -4.29 1.74 20.31
C GLY B 74 -2.97 1.01 20.51
N LEU B 75 -1.86 1.67 20.14
CA LEU B 75 -0.54 1.04 20.25
C LEU B 75 -0.14 0.82 21.71
N LYS B 76 -0.77 1.53 22.66
CA LYS B 76 -0.45 1.25 24.04
C LYS B 76 -1.36 0.22 24.73
N HIS B 77 -2.19 -0.48 23.96
CA HIS B 77 -3.08 -1.47 24.48
C HIS B 77 -3.14 -2.59 23.42
N LEU B 78 -1.97 -2.99 22.95
CA LEU B 78 -1.83 -4.00 21.90
C LEU B 78 -2.55 -5.33 22.21
N GLN B 79 -2.62 -5.67 23.49
CA GLN B 79 -3.34 -6.86 23.97
C GLN B 79 -4.89 -6.74 23.93
N ASP B 80 -5.45 -5.54 23.83
CA ASP B 80 -6.92 -5.42 23.72
C ASP B 80 -7.43 -4.39 22.69
N LEU B 81 -7.13 -4.65 21.43
CA LEU B 81 -7.51 -3.73 20.35
C LEU B 81 -9.02 -3.56 20.23
N LYS B 82 -9.79 -4.65 20.37
CA LYS B 82 -11.26 -4.58 20.30
C LYS B 82 -11.88 -3.71 21.36
N GLY B 83 -11.42 -3.87 22.61
CA GLY B 83 -11.92 -3.08 23.74
C GLY B 83 -11.60 -1.63 23.51
N THR B 84 -10.32 -1.36 23.22
CA THR B 84 -9.84 -0.01 22.87
C THR B 84 -10.70 0.64 21.76
N PHE B 85 -11.00 -0.10 20.69
CA PHE B 85 -11.68 0.46 19.52
C PHE B 85 -13.20 0.28 19.44
N ALA B 86 -13.80 -0.24 20.50
CA ALA B 86 -15.22 -0.59 20.44
C ALA B 86 -16.18 0.61 20.16
N LYS B 87 -15.87 1.81 20.68
CA LYS B 87 -16.78 2.96 20.46
C LYS B 87 -16.65 3.47 19.03
N LEU B 88 -15.44 3.39 18.47
CA LEU B 88 -15.19 3.84 17.14
C LEU B 88 -15.81 2.84 16.17
N SER B 89 -15.82 1.58 16.58
CA SER B 89 -16.44 0.52 15.80
C SER B 89 -17.90 0.86 15.60
N GLU B 90 -18.60 1.13 16.72
CA GLU B 90 -20.01 1.51 16.69
C GLU B 90 -20.25 2.75 15.80
N LEU B 91 -19.44 3.79 16.00
CA LEU B 91 -19.56 5.02 15.23
C LEU B 91 -19.43 4.76 13.76
N HIS B 92 -18.40 4.01 13.38
CA HIS B 92 -18.09 3.83 11.98
C HIS B 92 -19.04 2.86 11.31
N CYS B 93 -19.39 1.81 12.04
CA CYS B 93 -20.28 0.79 11.53
C CYS B 93 -21.75 1.21 11.51
N ASP B 94 -22.24 1.68 12.65
CA ASP B 94 -23.68 1.86 12.83
C ASP B 94 -24.09 3.26 12.43
N LYS B 95 -23.31 4.29 12.79
CA LYS B 95 -23.72 5.65 12.38
C LYS B 95 -23.32 5.94 10.93
N LEU B 96 -22.09 5.56 10.55
CA LEU B 96 -21.55 6.05 9.29
C LEU B 96 -21.58 5.05 8.17
N HIS B 97 -21.66 3.76 8.51
CA HIS B 97 -21.90 2.73 7.48
C HIS B 97 -20.71 2.53 6.53
N VAL B 98 -19.51 2.55 7.09
CA VAL B 98 -18.33 2.57 6.30
C VAL B 98 -18.09 1.13 6.09
N ASP B 99 -18.14 0.67 4.84
CA ASP B 99 -17.67 -0.68 4.55
C ASP B 99 -16.23 -0.94 5.09
N PRO B 100 -16.05 -2.05 5.77
CA PRO B 100 -14.80 -2.49 6.39
C PRO B 100 -13.61 -2.55 5.45
N GLU B 101 -13.87 -2.69 4.16
CA GLU B 101 -12.78 -2.76 3.21
C GLU B 101 -12.00 -1.45 3.35
N ASN B 102 -12.70 -0.31 3.56
CA ASN B 102 -12.06 0.97 3.65
C ASN B 102 -11.12 1.09 4.87
N PHE B 103 -11.39 0.30 5.91
CA PHE B 103 -10.50 0.38 7.07
C PHE B 103 -9.11 -0.09 6.72
N ARG B 104 -9.08 -1.09 5.86
CA ARG B 104 -7.86 -1.72 5.44
C ARG B 104 -7.05 -0.83 4.46
N LEU B 105 -7.75 -0.03 3.65
CA LEU B 105 -7.13 0.92 2.76
C LEU B 105 -6.47 2.01 3.59
N LEU B 106 -7.15 2.52 4.62
CA LEU B 106 -6.47 3.49 5.49
C LEU B 106 -5.25 2.88 6.21
N GLY B 107 -5.40 1.66 6.72
CA GLY B 107 -4.23 1.01 7.29
C GLY B 107 -3.09 0.95 6.28
N ASN B 108 -3.38 0.59 5.00
CA ASN B 108 -2.35 0.60 4.00
C ASN B 108 -1.77 1.99 3.70
N MET B 109 -2.58 3.04 3.76
CA MET B 109 -2.08 4.41 3.49
C MET B 109 -1.14 4.79 4.65
N LEU B 110 -1.42 4.22 5.78
CA LEU B 110 -0.63 4.60 6.88
C LEU B 110 0.80 3.94 6.80
N THR B 111 0.88 2.70 6.33
CA THR B 111 2.11 2.04 6.01
C THR B 111 2.99 2.79 4.95
N ILE B 112 2.39 3.17 3.84
CA ILE B 112 2.96 4.04 2.85
C ILE B 112 3.41 5.36 3.45
N ALA B 113 2.55 6.00 4.27
CA ALA B 113 2.98 7.25 4.89
C ALA B 113 4.25 7.02 5.71
N ILE B 114 4.31 5.97 6.54
CA ILE B 114 5.56 5.71 7.32
C ILE B 114 6.80 5.35 6.40
N ALA B 115 6.60 4.64 5.27
CA ALA B 115 7.75 4.40 4.38
C ALA B 115 8.25 5.70 3.70
N HIS B 116 7.31 6.61 3.38
CA HIS B 116 7.63 7.81 2.67
C HIS B 116 8.42 8.76 3.61
N HIS B 117 8.00 8.87 4.88
CA HIS B 117 8.67 9.77 5.89
C HIS B 117 9.93 9.17 6.61
N HIS B 118 10.02 7.84 6.70
CA HIS B 118 11.15 7.19 7.34
C HIS B 118 11.76 6.19 6.36
N PRO B 119 12.21 6.68 5.20
CA PRO B 119 12.90 5.81 4.22
C PRO B 119 13.84 4.78 4.89
N SER B 120 14.81 5.20 5.71
CA SER B 120 15.89 4.28 6.18
C SER B 120 15.43 3.32 7.25
N GLU B 121 14.50 3.72 8.10
CA GLU B 121 14.05 2.85 9.18
C GLU B 121 12.98 1.81 8.78
N PHE B 122 12.33 1.95 7.63
CA PHE B 122 11.13 1.15 7.38
C PHE B 122 11.50 -0.13 6.52
N THR B 123 12.16 -1.06 7.18
CA THR B 123 12.83 -2.18 6.55
C THR B 123 11.73 -3.18 6.31
N PRO B 124 11.96 -4.16 5.46
CA PRO B 124 10.97 -5.26 5.36
C PRO B 124 10.43 -5.84 6.72
N CYS B 125 11.31 -6.09 7.69
CA CYS B 125 10.84 -6.53 9.01
C CYS B 125 9.94 -5.55 9.75
N THR B 126 10.29 -4.26 9.70
CA THR B 126 9.52 -3.24 10.38
C THR B 126 8.15 -3.09 9.73
N GLN B 127 8.12 -3.19 8.39
CA GLN B 127 6.85 -3.20 7.64
C GLN B 127 6.00 -4.40 8.01
N ALA B 128 6.64 -5.55 8.22
CA ALA B 128 5.89 -6.78 8.53
C ALA B 128 5.11 -6.59 9.82
N ALA B 129 5.74 -6.08 10.88
CA ALA B 129 5.05 -5.80 12.15
C ALA B 129 3.86 -4.83 12.01
N PHE B 130 4.07 -3.79 11.20
CA PHE B 130 3.08 -2.74 10.99
C PHE B 130 1.86 -3.22 10.17
N GLN B 131 2.06 -4.20 9.29
CA GLN B 131 0.95 -4.79 8.55
C GLN B 131 0.08 -5.55 9.51
N LYS B 132 0.65 -6.31 10.41
CA LYS B 132 -0.24 -7.02 11.36
C LYS B 132 -1.05 -5.99 12.21
N VAL B 133 -0.37 -4.97 12.74
CA VAL B 133 -1.02 -4.04 13.61
C VAL B 133 -2.13 -3.33 12.87
N THR B 134 -1.84 -2.75 11.70
CA THR B 134 -2.89 -2.13 10.88
C THR B 134 -4.00 -3.10 10.52
N ALA B 135 -3.67 -4.35 10.24
CA ALA B 135 -4.68 -5.38 10.06
C ALA B 135 -5.45 -5.60 11.36
N GLY B 136 -4.79 -5.58 12.51
CA GLY B 136 -5.54 -5.73 13.75
C GLY B 136 -6.48 -4.53 13.95
N VAL B 137 -6.00 -3.32 13.64
CA VAL B 137 -6.82 -2.18 13.96
C VAL B 137 -8.03 -2.24 13.06
N ALA B 138 -7.85 -2.53 11.77
CA ALA B 138 -8.97 -2.68 10.86
C ALA B 138 -10.00 -3.71 11.34
N ASN B 139 -9.54 -4.90 11.74
CA ASN B 139 -10.42 -5.95 12.25
C ASN B 139 -11.15 -5.53 13.54
N ALA B 140 -10.50 -4.77 14.40
CA ALA B 140 -11.13 -4.31 15.63
C ALA B 140 -12.17 -3.25 15.31
N LEU B 141 -11.92 -2.43 14.31
CA LEU B 141 -12.95 -1.43 13.88
C LEU B 141 -14.17 -2.08 13.20
N ALA B 142 -13.95 -3.22 12.55
CA ALA B 142 -15.01 -3.90 11.80
C ALA B 142 -15.86 -4.82 12.70
N HIS B 143 -15.49 -4.90 13.97
CA HIS B 143 -16.05 -5.86 14.94
C HIS B 143 -17.59 -5.80 15.26
N LYS B 144 -18.20 -4.61 15.21
CA LYS B 144 -19.67 -4.50 15.34
C LYS B 144 -20.44 -4.69 14.00
CHA HEM C . 6.67 -15.92 -13.18
CHB HEM C . 5.98 -11.11 -14.35
CHC HEM C . 2.81 -10.68 -10.37
CHD HEM C . 4.00 -15.43 -8.96
C1A HEM C . 6.74 -14.64 -13.80
C2A HEM C . 7.55 -14.25 -14.95
C3A HEM C . 7.34 -12.94 -15.20
C4A HEM C . 6.42 -12.48 -14.25
CMA HEM C . 7.86 -11.90 -16.30
CAA HEM C . 8.54 -15.11 -15.84
CBA HEM C . 7.60 -15.60 -16.95
CGA HEM C . 8.46 -16.50 -17.81
O1A HEM C . 7.97 -16.96 -18.88
O2A HEM C . 9.64 -16.72 -17.39
C1B HEM C . 5.04 -10.65 -13.35
C2B HEM C . 4.43 -9.32 -13.17
C3B HEM C . 3.64 -9.38 -12.08
C4B HEM C . 3.71 -10.60 -11.51
CMB HEM C . 4.57 -7.95 -14.11
CAB HEM C . 2.62 -8.46 -11.27
CBB HEM C . 2.85 -6.98 -11.17
C1C HEM C . 2.87 -12.00 -9.70
C2C HEM C . 2.29 -12.41 -8.38
C3C HEM C . 2.75 -13.67 -8.12
C4C HEM C . 3.50 -14.13 -9.11
CMC HEM C . 1.29 -11.39 -7.38
CAC HEM C . 2.62 -14.76 -7.03
CBC HEM C . 2.39 -14.57 -5.53
C1D HEM C . 4.87 -16.04 -9.91
C2D HEM C . 5.47 -17.37 -9.98
C3D HEM C . 6.29 -17.45 -11.30
C4D HEM C . 6.09 -16.22 -11.94
CMD HEM C . 5.52 -18.62 -9.01
CAD HEM C . 7.18 -18.60 -11.97
CBD HEM C . 8.64 -18.27 -11.60
CGD HEM C . 9.67 -19.35 -11.95
O1D HEM C . 9.40 -20.33 -12.70
O2D HEM C . 10.82 -19.24 -11.43
NA HEM C . 6.03 -13.48 -13.39
NB HEM C . 4.51 -11.43 -12.28
NC HEM C . 3.63 -13.08 -10.03
ND HEM C . 5.33 -15.43 -11.18
FE HEM C . 4.86 -13.44 -11.67
O1 OXY D . 6.22 -12.70 -10.98
O2 OXY D . 6.39 -12.49 -9.81
CHA HEM E . -14.41 9.92 12.78
CHB HEM E . -10.61 7.02 13.70
CHC HEM E . -11.19 4.85 9.39
CHD HEM E . -14.75 8.03 8.27
C1A HEM E . -13.32 9.33 13.38
C2A HEM E . -12.75 9.77 14.62
C3A HEM E . -11.71 8.99 14.89
C4A HEM E . -11.57 8.01 13.81
CMA HEM E . -10.84 9.14 16.12
CAA HEM E . -13.24 10.95 15.47
CBA HEM E . -14.35 10.43 16.39
CGA HEM E . -14.86 11.57 17.27
O1A HEM E . -15.44 11.23 18.34
O2A HEM E . -14.70 12.77 16.91
C1B HEM E . -10.45 6.13 12.65
C2B HEM E . -9.49 5.01 12.57
C3B HEM E . -9.68 4.42 11.37
C4B HEM E . -10.73 5.14 10.65
CMB HEM E . -8.47 4.62 13.67
CAB HEM E . -8.94 3.18 10.80
CBB HEM E . -7.60 3.12 10.78
C1C HEM E . -12.15 5.53 8.64
C2C HEM E . -12.54 5.33 7.24
C3C HEM E . -13.53 6.22 6.99
C4C HEM E . -13.78 7.05 8.13
CMC HEM E . -11.89 4.28 6.26
CAC HEM E . -14.33 6.47 5.70
CBC HEM E . -13.82 6.28 4.50
C1D HEM E . -15.01 8.85 9.39
C2D HEM E . -15.94 9.99 9.44
C3D HEM E . -15.78 10.56 10.85
C4D HEM E . -14.80 9.73 11.51
CMD HEM E . -16.89 10.56 8.33
CAD HEM E . -16.50 11.74 11.47
CBD HEM E . -15.79 13.03 11.10
CGD HEM E . -16.69 14.18 11.50
O1D HEM E . -17.69 14.48 10.76
O2D HEM E . -16.40 14.81 12.56
NA HEM E . -12.59 8.26 12.92
NB HEM E . -11.18 6.15 11.47
NC HEM E . -12.95 6.54 9.11
ND HEM E . -14.41 8.73 10.65
FE HEM E . -12.78 7.30 10.98
O1 OXY F . -11.86 8.72 10.54
O2 OXY F . -11.07 8.51 9.66
#